data_1GNJ
#
_entry.id   1GNJ
#
_cell.length_a   190.219
_cell.length_b   38.972
_cell.length_c   96.236
_cell.angle_alpha   90.00
_cell.angle_beta   105.75
_cell.angle_gamma   90.00
#
_symmetry.space_group_name_H-M   'C 1 2 1'
#
loop_
_entity.id
_entity.type
_entity.pdbx_description
1 polymer 'SERUM ALBUMIN'
2 non-polymer 'ARACHIDONIC ACID'
3 water water
#
_entity_poly.entity_id   1
_entity_poly.type   'polypeptide(L)'
_entity_poly.pdbx_seq_one_letter_code
;DAHKSEVAHRFKDLGEENFKALVLIAFAQYLQQCPFEDHVKLVNEVTEFAKTCVADESAENCDKSLHTLFGDKLCTVATL
RETYGEMADCCAKQEPERNECFLQHKDDNPNLPRLVRPEVDVMCTAFHDNEETFLKKYLYEIARRHPYFYAPELLFFAKR
YKAAFTECCQAADKAACLLPKLDELRDEGKASSAKQRLKCASLQKFGERAFKAWAVARLSQRFPKAEFAEVSKLVTDLTK
VHTECCHGDLLECADDRADLAKYICENQDSISSKLKECCEKPLLEKSHCIAEVENDEMPADLPSLAADFVESKDVCKNYA
EAKDVFLGMFLYEYARRHPDYSVVLLLRLAKTYETTLEKCCAAADPHECYAKVFDEFKPLVEEPQNLIKQNCELFEQLGE
YKFQNALLVRYTKKVPQVSTPTLVEVSRNLGKVGSKCCKHPEAKRMPCAEDYLSVVLNQLCVLHEKTPVSDRVTKCCTES
LVNRRPCFSALEVDETYVPKEFNAETFTFHADICTLSEKERQIKKQTALVELVKHKPKATKEQLKAVMDDFAAFVEKCCK
ADDKETCFAEEGKKLVAASQAALGL
;
_entity_poly.pdbx_strand_id   A
#
loop_
_chem_comp.id
_chem_comp.type
_chem_comp.name
_chem_comp.formula
ACD non-polymer 'ARACHIDONIC ACID' 'C20 H32 O2'
#
# COMPACT_ATOMS: atom_id res chain seq x y z
N HIS A 3 -29.04 -7.62 -21.03
CA HIS A 3 -29.38 -7.17 -22.42
C HIS A 3 -29.01 -8.25 -23.43
N LYS A 4 -29.34 -8.00 -24.69
CA LYS A 4 -29.05 -8.94 -25.74
C LYS A 4 -27.55 -9.18 -25.86
N SER A 5 -26.77 -8.10 -25.91
CA SER A 5 -25.33 -8.25 -26.05
C SER A 5 -24.50 -7.52 -24.99
N GLU A 6 -23.75 -8.30 -24.22
CA GLU A 6 -22.89 -7.76 -23.18
C GLU A 6 -21.83 -6.85 -23.79
N VAL A 7 -21.11 -7.35 -24.79
CA VAL A 7 -20.06 -6.56 -25.44
C VAL A 7 -20.58 -5.22 -25.90
N ALA A 8 -21.68 -5.26 -26.63
CA ALA A 8 -22.28 -4.04 -27.15
C ALA A 8 -22.50 -3.06 -26.01
N HIS A 9 -23.06 -3.59 -24.93
CA HIS A 9 -23.35 -2.78 -23.76
C HIS A 9 -22.14 -2.10 -23.12
N ARG A 10 -21.13 -2.89 -22.78
CA ARG A 10 -19.92 -2.36 -22.16
C ARG A 10 -19.28 -1.34 -23.07
N PHE A 11 -19.22 -1.66 -24.35
CA PHE A 11 -18.61 -0.76 -25.31
C PHE A 11 -19.34 0.56 -25.27
N LYS A 12 -20.67 0.50 -25.30
CA LYS A 12 -21.47 1.71 -25.27
C LYS A 12 -21.27 2.57 -24.02
N ASP A 13 -21.36 2.01 -22.82
CA ASP A 13 -21.19 2.88 -21.66
C ASP A 13 -19.78 2.97 -21.10
N LEU A 14 -18.79 2.69 -21.95
CA LEU A 14 -17.39 2.75 -21.55
C LEU A 14 -16.65 3.67 -22.55
N GLY A 15 -16.97 3.51 -23.82
CA GLY A 15 -16.33 4.29 -24.86
C GLY A 15 -15.19 3.52 -25.50
N GLU A 16 -14.98 3.73 -26.80
CA GLU A 16 -13.92 3.03 -27.52
C GLU A 16 -12.56 3.18 -26.86
N GLU A 17 -12.14 4.40 -26.57
CA GLU A 17 -10.84 4.63 -25.95
C GLU A 17 -10.59 3.82 -24.68
N ASN A 18 -11.51 3.90 -23.71
CA ASN A 18 -11.36 3.17 -22.46
C ASN A 18 -11.44 1.66 -22.72
N PHE A 19 -12.36 1.26 -23.60
CA PHE A 19 -12.54 -0.14 -23.95
C PHE A 19 -11.24 -0.76 -24.47
N LYS A 20 -10.64 -0.13 -25.47
CA LYS A 20 -9.38 -0.63 -26.04
C LYS A 20 -8.28 -0.71 -25.00
N ALA A 21 -8.20 0.29 -24.13
CA ALA A 21 -7.17 0.31 -23.09
C ALA A 21 -7.35 -0.85 -22.09
N LEU A 22 -8.60 -1.12 -21.71
CA LEU A 22 -8.91 -2.18 -20.77
C LEU A 22 -8.69 -3.56 -21.36
N VAL A 23 -9.09 -3.75 -22.62
CA VAL A 23 -8.91 -5.04 -23.25
C VAL A 23 -7.42 -5.31 -23.33
N LEU A 24 -6.64 -4.28 -23.64
CA LEU A 24 -5.20 -4.46 -23.68
C LEU A 24 -4.75 -4.95 -22.30
N ILE A 25 -5.08 -4.21 -21.25
CA ILE A 25 -4.67 -4.60 -19.90
C ILE A 25 -5.08 -6.02 -19.52
N ALA A 26 -6.32 -6.38 -19.81
CA ALA A 26 -6.82 -7.70 -19.52
C ALA A 26 -5.97 -8.75 -20.19
N PHE A 27 -5.69 -8.56 -21.48
CA PHE A 27 -4.88 -9.56 -22.18
C PHE A 27 -3.47 -9.60 -21.65
N ALA A 28 -2.87 -8.44 -21.45
CA ALA A 28 -1.52 -8.39 -20.95
C ALA A 28 -1.43 -9.11 -19.59
N GLN A 29 -2.49 -9.05 -18.79
CA GLN A 29 -2.48 -9.70 -17.49
C GLN A 29 -2.56 -11.22 -17.51
N TYR A 30 -3.12 -11.79 -18.55
CA TYR A 30 -3.20 -13.24 -18.65
C TYR A 30 -2.04 -13.76 -19.50
N LEU A 31 -1.84 -13.18 -20.68
CA LEU A 31 -0.75 -13.59 -21.55
C LEU A 31 0.46 -12.72 -21.32
N GLN A 32 1.07 -12.88 -20.15
CA GLN A 32 2.24 -12.09 -19.77
C GLN A 32 3.47 -12.29 -20.64
N GLN A 33 3.51 -13.38 -21.40
CA GLN A 33 4.68 -13.69 -22.23
C GLN A 33 4.61 -13.21 -23.67
N CYS A 34 3.41 -13.08 -24.23
CA CYS A 34 3.32 -12.64 -25.62
C CYS A 34 3.87 -11.23 -25.81
N PRO A 35 4.41 -10.94 -27.01
CA PRO A 35 4.97 -9.60 -27.28
C PRO A 35 3.88 -8.55 -27.47
N PHE A 36 4.26 -7.28 -27.43
CA PHE A 36 3.32 -6.18 -27.58
C PHE A 36 2.45 -6.19 -28.86
N GLU A 37 3.08 -6.32 -30.02
CA GLU A 37 2.34 -6.31 -31.29
C GLU A 37 1.27 -7.39 -31.34
N ASP A 38 1.52 -8.51 -30.67
CA ASP A 38 0.56 -9.60 -30.66
C ASP A 38 -0.71 -9.20 -29.92
N HIS A 39 -0.55 -8.49 -28.81
CA HIS A 39 -1.69 -8.06 -28.02
C HIS A 39 -2.46 -6.99 -28.76
N VAL A 40 -1.73 -6.10 -29.43
CA VAL A 40 -2.36 -5.02 -30.17
C VAL A 40 -3.30 -5.55 -31.23
N LYS A 41 -2.88 -6.62 -31.90
CA LYS A 41 -3.68 -7.21 -32.93
C LYS A 41 -5.00 -7.66 -32.32
N LEU A 42 -4.92 -8.33 -31.17
CA LEU A 42 -6.10 -8.83 -30.47
C LEU A 42 -7.03 -7.70 -30.08
N VAL A 43 -6.48 -6.63 -29.54
CA VAL A 43 -7.32 -5.49 -29.17
C VAL A 43 -8.13 -5.12 -30.39
N ASN A 44 -7.44 -4.91 -31.52
CA ASN A 44 -8.12 -4.54 -32.77
C ASN A 44 -9.24 -5.51 -33.12
N GLU A 45 -8.93 -6.81 -33.14
CA GLU A 45 -9.97 -7.78 -33.47
C GLU A 45 -11.16 -7.75 -32.53
N VAL A 46 -10.92 -7.58 -31.23
CA VAL A 46 -12.02 -7.56 -30.29
C VAL A 46 -12.82 -6.27 -30.42
N THR A 47 -12.13 -5.17 -30.70
CA THR A 47 -12.78 -3.88 -30.87
C THR A 47 -13.68 -3.93 -32.11
N GLU A 48 -13.17 -4.53 -33.16
CA GLU A 48 -13.94 -4.67 -34.38
C GLU A 48 -15.19 -5.50 -34.05
N PHE A 49 -14.99 -6.61 -33.36
CA PHE A 49 -16.11 -7.46 -32.98
C PHE A 49 -17.17 -6.61 -32.30
N ALA A 50 -16.77 -5.90 -31.26
CA ALA A 50 -17.65 -5.06 -30.49
C ALA A 50 -18.48 -4.09 -31.34
N LYS A 51 -17.84 -3.42 -32.30
CA LYS A 51 -18.57 -2.46 -33.16
C LYS A 51 -19.64 -3.19 -33.95
N THR A 52 -19.33 -4.42 -34.34
CA THR A 52 -20.27 -5.24 -35.07
C THR A 52 -21.52 -5.49 -34.23
N CYS A 53 -21.33 -5.71 -32.93
CA CYS A 53 -22.44 -5.94 -32.03
C CYS A 53 -23.18 -4.65 -31.68
N VAL A 54 -22.45 -3.54 -31.69
CA VAL A 54 -23.06 -2.26 -31.40
C VAL A 54 -24.05 -1.96 -32.52
N ALA A 55 -23.71 -2.37 -33.74
CA ALA A 55 -24.55 -2.14 -34.90
C ALA A 55 -25.75 -3.06 -34.99
N ASP A 56 -25.59 -4.29 -34.50
CA ASP A 56 -26.67 -5.27 -34.53
C ASP A 56 -26.60 -6.22 -33.33
N GLU A 57 -27.34 -5.90 -32.27
CA GLU A 57 -27.37 -6.72 -31.05
C GLU A 57 -27.53 -8.22 -31.37
N SER A 58 -28.08 -8.51 -32.55
CA SER A 58 -28.34 -9.88 -32.97
C SER A 58 -27.28 -10.52 -33.86
N ALA A 59 -26.19 -9.79 -34.11
CA ALA A 59 -25.12 -10.32 -34.94
C ALA A 59 -24.46 -11.56 -34.31
N GLU A 60 -23.97 -12.45 -35.16
CA GLU A 60 -23.35 -13.69 -34.71
C GLU A 60 -22.41 -13.50 -33.54
N ASN A 61 -22.58 -14.36 -32.54
CA ASN A 61 -21.75 -14.35 -31.34
C ASN A 61 -22.01 -13.23 -30.34
N CYS A 62 -22.63 -12.15 -30.78
CA CYS A 62 -22.90 -11.04 -29.89
C CYS A 62 -23.70 -11.45 -28.66
N ASP A 63 -24.38 -12.59 -28.75
CA ASP A 63 -25.19 -13.09 -27.64
C ASP A 63 -24.29 -13.64 -26.54
N LYS A 64 -23.15 -14.18 -26.92
CA LYS A 64 -22.19 -14.76 -26.00
C LYS A 64 -21.86 -13.85 -24.81
N SER A 65 -21.43 -14.45 -23.72
CA SER A 65 -21.07 -13.71 -22.51
C SER A 65 -19.61 -13.29 -22.63
N LEU A 66 -19.18 -12.35 -21.80
CA LEU A 66 -17.79 -11.89 -21.86
C LEU A 66 -16.76 -12.98 -21.54
N HIS A 67 -16.98 -13.73 -20.47
CA HIS A 67 -16.02 -14.79 -20.14
C HIS A 67 -15.88 -15.75 -21.32
N THR A 68 -17.00 -16.11 -21.94
CA THR A 68 -16.98 -17.02 -23.07
C THR A 68 -16.20 -16.40 -24.22
N LEU A 69 -16.54 -15.16 -24.57
CA LEU A 69 -15.85 -14.48 -25.65
C LEU A 69 -14.36 -14.37 -25.33
N PHE A 70 -14.04 -13.80 -24.18
CA PHE A 70 -12.64 -13.64 -23.76
C PHE A 70 -11.85 -14.93 -23.79
N GLY A 71 -12.42 -16.00 -23.24
CA GLY A 71 -11.75 -17.29 -23.21
C GLY A 71 -11.47 -17.86 -24.59
N ASP A 72 -12.41 -17.68 -25.52
CA ASP A 72 -12.20 -18.20 -26.86
C ASP A 72 -11.00 -17.53 -27.54
N LYS A 73 -10.99 -16.20 -27.56
CA LYS A 73 -9.91 -15.45 -28.20
C LYS A 73 -8.57 -15.81 -27.59
N LEU A 74 -8.59 -16.16 -26.31
CA LEU A 74 -7.37 -16.52 -25.60
C LEU A 74 -6.87 -17.85 -26.16
N CYS A 75 -7.80 -18.78 -26.33
CA CYS A 75 -7.48 -20.11 -26.85
C CYS A 75 -7.11 -20.05 -28.31
N THR A 76 -7.05 -18.83 -28.82
CA THR A 76 -6.70 -18.57 -30.21
C THR A 76 -5.18 -18.60 -30.34
N VAL A 77 -4.50 -17.96 -29.40
CA VAL A 77 -3.04 -17.94 -29.42
C VAL A 77 -2.47 -19.31 -29.80
N ALA A 78 -1.75 -19.34 -30.93
CA ALA A 78 -1.14 -20.56 -31.48
C ALA A 78 0.01 -21.14 -30.66
N THR A 79 0.90 -20.26 -30.23
CA THR A 79 2.06 -20.67 -29.44
C THR A 79 1.65 -20.98 -27.99
N LEU A 80 0.35 -20.89 -27.72
CA LEU A 80 -0.18 -21.13 -26.38
C LEU A 80 0.51 -22.30 -25.68
N ARG A 81 0.37 -23.52 -26.20
CA ARG A 81 1.00 -24.68 -25.59
C ARG A 81 2.53 -24.59 -25.58
N GLU A 82 3.11 -24.17 -26.69
CA GLU A 82 4.57 -24.05 -26.75
C GLU A 82 5.09 -22.98 -25.79
N THR A 83 4.30 -21.92 -25.59
CA THR A 83 4.69 -20.81 -24.72
C THR A 83 4.27 -20.91 -23.26
N TYR A 84 3.01 -21.29 -23.03
CA TYR A 84 2.48 -21.36 -21.67
C TYR A 84 2.18 -22.79 -21.20
N GLY A 85 2.61 -23.79 -21.97
CA GLY A 85 2.39 -25.17 -21.61
C GLY A 85 1.03 -25.51 -21.02
N GLU A 86 0.99 -25.75 -19.71
CA GLU A 86 -0.22 -26.11 -19.00
C GLU A 86 -1.46 -25.29 -19.29
N MET A 87 -1.29 -23.98 -19.42
CA MET A 87 -2.43 -23.11 -19.66
C MET A 87 -3.27 -23.54 -20.85
N ALA A 88 -2.59 -24.03 -21.89
CA ALA A 88 -3.28 -24.49 -23.08
C ALA A 88 -4.28 -25.61 -22.75
N ASP A 89 -3.97 -26.43 -21.75
CA ASP A 89 -4.89 -27.50 -21.37
C ASP A 89 -6.22 -26.93 -20.86
N CYS A 90 -6.22 -25.65 -20.49
CA CYS A 90 -7.43 -25.00 -20.01
C CYS A 90 -8.49 -24.96 -21.12
N CYS A 91 -8.03 -24.68 -22.33
CA CYS A 91 -8.89 -24.59 -23.50
C CYS A 91 -9.71 -25.83 -23.77
N ALA A 92 -9.34 -26.94 -23.15
CA ALA A 92 -10.07 -28.18 -23.32
C ALA A 92 -11.24 -28.26 -22.35
N LYS A 93 -11.48 -27.19 -21.60
CA LYS A 93 -12.57 -27.22 -20.63
C LYS A 93 -13.76 -26.33 -20.96
N GLN A 94 -14.91 -26.65 -20.36
CA GLN A 94 -16.14 -25.89 -20.54
C GLN A 94 -16.01 -24.55 -19.84
N GLU A 95 -16.67 -23.53 -20.39
CA GLU A 95 -16.56 -22.17 -19.89
C GLU A 95 -16.33 -21.92 -18.39
N PRO A 96 -17.25 -22.35 -17.52
CA PRO A 96 -17.02 -22.09 -16.10
C PRO A 96 -15.61 -22.53 -15.63
N GLU A 97 -15.27 -23.79 -15.85
CA GLU A 97 -13.97 -24.32 -15.47
C GLU A 97 -12.84 -23.67 -16.27
N ARG A 98 -13.11 -23.37 -17.54
CA ARG A 98 -12.11 -22.76 -18.40
C ARG A 98 -11.58 -21.47 -17.77
N ASN A 99 -12.50 -20.56 -17.44
CA ASN A 99 -12.14 -19.30 -16.81
C ASN A 99 -11.37 -19.57 -15.52
N GLU A 100 -11.94 -20.46 -14.71
CA GLU A 100 -11.35 -20.85 -13.44
C GLU A 100 -9.93 -21.37 -13.64
N CYS A 101 -9.73 -22.16 -14.68
CA CYS A 101 -8.42 -22.73 -15.00
C CYS A 101 -7.42 -21.64 -15.36
N PHE A 102 -7.87 -20.61 -16.08
CA PHE A 102 -6.95 -19.52 -16.47
C PHE A 102 -6.43 -18.74 -15.26
N LEU A 103 -7.32 -18.44 -14.33
CA LEU A 103 -6.97 -17.69 -13.12
C LEU A 103 -5.84 -18.36 -12.34
N GLN A 104 -5.87 -19.69 -12.28
CA GLN A 104 -4.87 -20.44 -11.53
C GLN A 104 -3.48 -20.48 -12.16
N HIS A 105 -3.37 -20.03 -13.40
CA HIS A 105 -2.08 -20.03 -14.09
C HIS A 105 -1.59 -18.61 -14.34
N LYS A 106 -2.22 -17.68 -13.64
CA LYS A 106 -1.86 -16.28 -13.73
C LYS A 106 -0.74 -16.09 -12.74
N ASP A 107 0.50 -16.07 -13.22
CA ASP A 107 1.66 -15.90 -12.35
C ASP A 107 1.71 -14.52 -11.72
N ASP A 108 1.41 -14.43 -10.43
CA ASP A 108 1.40 -13.17 -9.69
C ASP A 108 2.71 -12.37 -9.68
N ASN A 109 3.78 -12.95 -10.21
CA ASN A 109 5.07 -12.25 -10.24
C ASN A 109 6.08 -13.03 -11.10
N PRO A 110 6.05 -12.80 -12.41
CA PRO A 110 6.94 -13.46 -13.37
C PRO A 110 8.38 -12.98 -13.31
N ASN A 111 9.21 -13.55 -14.19
CA ASN A 111 10.62 -13.19 -14.27
C ASN A 111 10.88 -12.42 -15.53
N LEU A 112 10.49 -11.15 -15.51
CA LEU A 112 10.70 -10.25 -16.63
C LEU A 112 11.76 -9.29 -16.13
N PRO A 113 12.53 -8.69 -17.04
CA PRO A 113 13.58 -7.76 -16.60
C PRO A 113 12.93 -6.55 -15.94
N ARG A 114 13.65 -5.94 -15.00
CA ARG A 114 13.14 -4.77 -14.31
C ARG A 114 13.13 -3.62 -15.29
N LEU A 115 11.96 -3.02 -15.46
CA LEU A 115 11.78 -1.89 -16.38
C LEU A 115 12.70 -0.73 -16.01
N VAL A 116 13.54 -0.30 -16.94
CA VAL A 116 14.44 0.81 -16.66
C VAL A 116 13.87 2.10 -17.22
N ARG A 117 14.08 3.20 -16.52
CA ARG A 117 13.56 4.49 -16.97
C ARG A 117 14.56 5.17 -17.91
N PRO A 118 14.14 5.39 -19.17
CA PRO A 118 15.03 6.05 -20.15
C PRO A 118 15.17 7.53 -19.82
N GLU A 119 15.99 8.23 -20.60
CA GLU A 119 16.21 9.66 -20.38
C GLU A 119 15.01 10.52 -20.76
N VAL A 120 14.83 11.62 -20.03
CA VAL A 120 13.72 12.53 -20.27
C VAL A 120 13.55 12.87 -21.73
N ASP A 121 14.66 13.22 -22.37
CA ASP A 121 14.64 13.58 -23.78
C ASP A 121 14.10 12.47 -24.66
N VAL A 122 14.62 11.26 -24.48
CA VAL A 122 14.14 10.16 -25.32
C VAL A 122 12.66 9.94 -25.05
N MET A 123 12.26 9.96 -23.78
CA MET A 123 10.86 9.77 -23.42
C MET A 123 9.98 10.82 -24.07
N CYS A 124 10.35 12.08 -23.87
CA CYS A 124 9.61 13.21 -24.43
C CYS A 124 9.53 13.13 -25.94
N THR A 125 10.65 12.81 -26.59
CA THR A 125 10.67 12.70 -28.04
C THR A 125 9.76 11.57 -28.48
N ALA A 126 9.86 10.43 -27.80
CA ALA A 126 9.04 9.28 -28.13
C ALA A 126 7.58 9.65 -27.89
N PHE A 127 7.36 10.42 -26.84
CA PHE A 127 6.02 10.85 -26.49
C PHE A 127 5.34 11.62 -27.62
N HIS A 128 6.04 12.60 -28.19
CA HIS A 128 5.48 13.40 -29.28
C HIS A 128 5.35 12.63 -30.59
N ASP A 129 6.41 11.91 -30.95
CA ASP A 129 6.42 11.14 -32.19
C ASP A 129 5.27 10.16 -32.34
N ASN A 130 4.74 9.68 -31.23
CA ASN A 130 3.66 8.71 -31.29
C ASN A 130 3.06 8.51 -29.91
N GLU A 131 2.39 9.53 -29.43
CA GLU A 131 1.76 9.52 -28.12
C GLU A 131 1.14 8.18 -27.73
N GLU A 132 0.30 7.63 -28.61
CA GLU A 132 -0.39 6.38 -28.32
C GLU A 132 0.44 5.13 -28.04
N THR A 133 1.14 4.63 -29.04
CA THR A 133 1.93 3.43 -28.83
C THR A 133 2.88 3.61 -27.66
N PHE A 134 3.27 4.85 -27.40
CA PHE A 134 4.17 5.14 -26.30
C PHE A 134 3.50 4.80 -24.96
N LEU A 135 2.28 5.28 -24.76
CA LEU A 135 1.56 5.02 -23.52
C LEU A 135 1.04 3.58 -23.47
N LYS A 136 0.69 3.02 -24.62
CA LYS A 136 0.18 1.67 -24.64
C LYS A 136 1.25 0.63 -24.35
N LYS A 137 2.44 0.84 -24.89
CA LYS A 137 3.50 -0.13 -24.68
C LYS A 137 3.87 -0.22 -23.22
N TYR A 138 3.92 0.92 -22.53
CA TYR A 138 4.26 0.95 -21.11
C TYR A 138 3.13 0.37 -20.27
N LEU A 139 1.90 0.67 -20.69
CA LEU A 139 0.73 0.18 -20.02
C LEU A 139 0.82 -1.35 -20.10
N TYR A 140 1.30 -1.82 -21.24
CA TYR A 140 1.48 -3.23 -21.50
C TYR A 140 2.55 -3.80 -20.55
N GLU A 141 3.68 -3.11 -20.48
CA GLU A 141 4.80 -3.53 -19.62
C GLU A 141 4.41 -3.57 -18.14
N ILE A 142 3.65 -2.57 -17.70
CA ILE A 142 3.24 -2.50 -16.32
C ILE A 142 2.20 -3.55 -15.97
N ALA A 143 1.23 -3.77 -16.85
CA ALA A 143 0.17 -4.74 -16.58
C ALA A 143 0.62 -6.20 -16.59
N ARG A 144 1.62 -6.53 -17.41
CA ARG A 144 2.08 -7.91 -17.44
C ARG A 144 2.90 -8.18 -16.17
N ARG A 145 3.45 -7.11 -15.59
CA ARG A 145 4.24 -7.25 -14.38
C ARG A 145 3.38 -7.19 -13.10
N HIS A 146 2.19 -6.62 -13.22
CA HIS A 146 1.25 -6.53 -12.09
C HIS A 146 -0.09 -7.09 -12.53
N PRO A 147 -0.19 -8.41 -12.67
CA PRO A 147 -1.40 -9.10 -13.10
C PRO A 147 -2.63 -9.01 -12.22
N TYR A 148 -2.46 -8.58 -10.98
CA TYR A 148 -3.61 -8.49 -10.09
C TYR A 148 -4.05 -7.06 -9.83
N PHE A 149 -3.34 -6.12 -10.43
CA PHE A 149 -3.66 -4.71 -10.27
C PHE A 149 -5.00 -4.46 -10.98
N TYR A 150 -5.98 -3.96 -10.24
CA TYR A 150 -7.30 -3.68 -10.82
C TYR A 150 -7.17 -2.83 -12.10
N ALA A 151 -7.54 -3.41 -13.24
CA ALA A 151 -7.41 -2.72 -14.53
C ALA A 151 -7.87 -1.26 -14.58
N PRO A 152 -9.10 -0.97 -14.15
CA PRO A 152 -9.54 0.42 -14.20
C PRO A 152 -8.59 1.38 -13.48
N GLU A 153 -7.95 0.90 -12.41
CA GLU A 153 -7.06 1.76 -11.65
C GLU A 153 -5.74 1.95 -12.36
N LEU A 154 -5.34 0.92 -13.10
CA LEU A 154 -4.11 0.94 -13.85
C LEU A 154 -4.30 2.01 -14.92
N LEU A 155 -5.53 2.11 -15.39
CA LEU A 155 -5.91 3.08 -16.39
C LEU A 155 -5.86 4.51 -15.82
N PHE A 156 -6.37 4.68 -14.61
CA PHE A 156 -6.37 5.99 -13.98
C PHE A 156 -4.97 6.52 -13.78
N PHE A 157 -4.03 5.62 -13.53
CA PHE A 157 -2.64 6.03 -13.36
C PHE A 157 -2.05 6.48 -14.68
N ALA A 158 -2.30 5.70 -15.74
CA ALA A 158 -1.79 6.03 -17.06
C ALA A 158 -2.16 7.45 -17.46
N LYS A 159 -3.41 7.83 -17.24
CA LYS A 159 -3.86 9.17 -17.59
C LYS A 159 -3.08 10.25 -16.84
N ARG A 160 -2.74 9.99 -15.57
CA ARG A 160 -1.98 10.97 -14.81
C ARG A 160 -0.58 11.07 -15.39
N TYR A 161 -0.08 9.94 -15.87
CA TYR A 161 1.25 9.89 -16.48
C TYR A 161 1.25 10.71 -17.77
N LYS A 162 0.17 10.62 -18.53
CA LYS A 162 0.03 11.35 -19.78
C LYS A 162 0.02 12.83 -19.51
N ALA A 163 -0.78 13.24 -18.53
CA ALA A 163 -0.89 14.65 -18.15
C ALA A 163 0.48 15.22 -17.83
N ALA A 164 1.30 14.41 -17.17
CA ALA A 164 2.64 14.80 -16.77
C ALA A 164 3.55 15.01 -17.97
N PHE A 165 3.39 14.19 -19.01
CA PHE A 165 4.23 14.34 -20.19
C PHE A 165 3.79 15.56 -20.97
N THR A 166 2.48 15.75 -21.08
CA THR A 166 1.95 16.91 -21.78
C THR A 166 2.50 18.18 -21.12
N GLU A 167 2.35 18.27 -19.80
CA GLU A 167 2.81 19.42 -19.03
C GLU A 167 4.31 19.58 -18.93
N CYS A 168 5.06 18.49 -18.96
CA CYS A 168 6.50 18.62 -18.82
C CYS A 168 7.34 18.54 -20.08
N CYS A 169 6.86 17.86 -21.12
CA CYS A 169 7.67 17.75 -22.32
C CYS A 169 7.64 19.03 -23.11
N GLN A 170 6.80 19.96 -22.64
CA GLN A 170 6.65 21.25 -23.26
C GLN A 170 7.50 22.27 -22.47
N ALA A 171 7.75 21.95 -21.20
CA ALA A 171 8.51 22.80 -20.30
C ALA A 171 9.96 23.09 -20.72
N ALA A 172 10.45 24.27 -20.32
CA ALA A 172 11.81 24.68 -20.63
C ALA A 172 12.80 23.69 -20.04
N ASP A 173 12.69 23.49 -18.74
CA ASP A 173 13.54 22.55 -18.02
C ASP A 173 12.73 21.26 -17.92
N LYS A 174 12.69 20.49 -19.02
CA LYS A 174 11.93 19.25 -19.06
C LYS A 174 12.16 18.35 -17.86
N ALA A 175 13.42 18.05 -17.59
CA ALA A 175 13.78 17.18 -16.47
C ALA A 175 13.34 17.69 -15.10
N ALA A 176 13.61 18.95 -14.81
CA ALA A 176 13.23 19.52 -13.52
C ALA A 176 11.72 19.44 -13.29
N CYS A 177 10.98 19.36 -14.38
CA CYS A 177 9.53 19.26 -14.31
C CYS A 177 9.07 17.81 -14.16
N LEU A 178 9.36 16.99 -15.17
CA LEU A 178 8.96 15.60 -15.20
C LEU A 178 9.51 14.68 -14.12
N LEU A 179 10.83 14.59 -14.02
CA LEU A 179 11.47 13.71 -13.05
C LEU A 179 10.79 13.61 -11.69
N PRO A 180 10.52 14.75 -11.02
CA PRO A 180 9.86 14.63 -9.73
C PRO A 180 8.43 14.10 -9.82
N LYS A 181 7.72 14.44 -10.90
CA LYS A 181 6.33 13.96 -11.06
C LYS A 181 6.31 12.46 -11.26
N LEU A 182 7.32 11.95 -11.95
CA LEU A 182 7.40 10.53 -12.20
C LEU A 182 7.71 9.79 -10.92
N ASP A 183 8.65 10.31 -10.14
CA ASP A 183 9.03 9.67 -8.88
C ASP A 183 7.82 9.55 -7.95
N GLU A 184 6.99 10.59 -7.92
CA GLU A 184 5.81 10.60 -7.07
C GLU A 184 4.78 9.59 -7.58
N LEU A 185 4.58 9.59 -8.90
CA LEU A 185 3.63 8.66 -9.49
C LEU A 185 4.03 7.21 -9.20
N ARG A 186 5.33 6.94 -9.22
CA ARG A 186 5.82 5.59 -8.97
C ARG A 186 5.49 5.11 -7.55
N ASP A 187 5.84 5.91 -6.54
CA ASP A 187 5.57 5.53 -5.16
C ASP A 187 4.10 5.27 -4.94
N GLU A 188 3.27 6.13 -5.48
CA GLU A 188 1.83 5.99 -5.37
C GLU A 188 1.36 4.68 -6.01
N GLY A 189 1.96 4.35 -7.16
CA GLY A 189 1.60 3.14 -7.86
C GLY A 189 2.08 1.93 -7.11
N LYS A 190 3.30 1.99 -6.58
CA LYS A 190 3.82 0.89 -5.79
C LYS A 190 3.00 0.75 -4.51
N ALA A 191 2.59 1.89 -3.94
CA ALA A 191 1.79 1.89 -2.72
C ALA A 191 0.45 1.24 -3.01
N SER A 192 -0.19 1.68 -4.09
CA SER A 192 -1.49 1.16 -4.47
C SER A 192 -1.41 -0.35 -4.67
N SER A 193 -0.36 -0.77 -5.35
CA SER A 193 -0.14 -2.17 -5.63
C SER A 193 -0.01 -2.99 -4.34
N ALA A 194 0.85 -2.52 -3.44
CA ALA A 194 1.08 -3.22 -2.17
C ALA A 194 -0.18 -3.37 -1.32
N LYS A 195 -0.99 -2.33 -1.26
CA LYS A 195 -2.21 -2.39 -0.48
C LYS A 195 -3.11 -3.45 -1.07
N GLN A 196 -3.22 -3.40 -2.39
CA GLN A 196 -4.07 -4.34 -3.11
C GLN A 196 -3.75 -5.77 -2.66
N ARG A 197 -2.47 -6.14 -2.70
CA ARG A 197 -2.02 -7.47 -2.32
C ARG A 197 -2.19 -7.70 -0.82
N LEU A 198 -1.92 -6.66 -0.05
CA LEU A 198 -2.05 -6.69 1.40
C LEU A 198 -3.46 -7.03 1.86
N LYS A 199 -4.45 -6.31 1.36
CA LYS A 199 -5.83 -6.55 1.75
C LYS A 199 -6.28 -7.96 1.45
N CYS A 200 -5.86 -8.50 0.31
CA CYS A 200 -6.25 -9.86 -0.04
C CYS A 200 -5.58 -10.92 0.81
N ALA A 201 -4.32 -10.68 1.16
CA ALA A 201 -3.60 -11.62 2.00
C ALA A 201 -4.27 -11.64 3.38
N SER A 202 -4.63 -10.46 3.85
CA SER A 202 -5.29 -10.31 5.14
C SER A 202 -6.59 -11.05 5.15
N LEU A 203 -7.39 -10.85 4.11
CA LEU A 203 -8.67 -11.52 4.01
C LEU A 203 -8.45 -13.02 4.16
N GLN A 204 -7.35 -13.51 3.60
CA GLN A 204 -7.00 -14.92 3.64
C GLN A 204 -6.67 -15.42 5.04
N LYS A 205 -5.61 -14.88 5.62
CA LYS A 205 -5.19 -15.25 6.96
C LYS A 205 -6.29 -15.11 7.99
N PHE A 206 -6.51 -13.86 8.37
CA PHE A 206 -7.47 -13.48 9.40
C PHE A 206 -8.93 -13.82 9.23
N GLY A 207 -9.40 -14.09 8.02
CA GLY A 207 -10.79 -14.47 7.91
C GLY A 207 -11.81 -13.35 7.76
N GLU A 208 -13.02 -13.74 7.39
CA GLU A 208 -14.10 -12.80 7.18
C GLU A 208 -14.47 -11.93 8.38
N ARG A 209 -14.51 -12.53 9.56
CA ARG A 209 -14.87 -11.78 10.76
C ARG A 209 -14.01 -10.53 10.89
N ALA A 210 -12.71 -10.73 10.90
CA ALA A 210 -11.75 -9.64 11.03
C ALA A 210 -11.90 -8.59 9.92
N PHE A 211 -12.20 -9.02 8.70
CA PHE A 211 -12.36 -8.08 7.62
C PHE A 211 -13.60 -7.20 7.84
N LYS A 212 -14.70 -7.84 8.22
CA LYS A 212 -15.94 -7.12 8.47
C LYS A 212 -15.73 -6.07 9.54
N ALA A 213 -15.01 -6.46 10.60
CA ALA A 213 -14.75 -5.52 11.68
C ALA A 213 -13.93 -4.35 11.18
N TRP A 214 -12.86 -4.66 10.47
CA TRP A 214 -12.00 -3.63 9.90
C TRP A 214 -12.89 -2.70 9.05
N ALA A 215 -13.79 -3.30 8.27
CA ALA A 215 -14.68 -2.54 7.40
C ALA A 215 -15.67 -1.65 8.14
N VAL A 216 -16.28 -2.18 9.19
CA VAL A 216 -17.24 -1.42 9.97
C VAL A 216 -16.59 -0.14 10.45
N ALA A 217 -15.43 -0.29 11.06
CA ALA A 217 -14.71 0.85 11.58
C ALA A 217 -14.41 1.87 10.48
N ARG A 218 -13.83 1.37 9.40
CA ARG A 218 -13.48 2.22 8.28
C ARG A 218 -14.67 2.95 7.71
N LEU A 219 -15.75 2.24 7.42
CA LEU A 219 -16.95 2.85 6.87
C LEU A 219 -17.59 3.87 7.78
N SER A 220 -17.55 3.61 9.08
CA SER A 220 -18.16 4.50 10.05
C SER A 220 -17.44 5.84 10.18
N GLN A 221 -16.12 5.83 10.04
CA GLN A 221 -15.36 7.05 10.12
C GLN A 221 -15.72 7.92 8.92
N ARG A 222 -15.88 7.29 7.76
CA ARG A 222 -16.21 8.04 6.56
C ARG A 222 -17.66 8.48 6.44
N PHE A 223 -18.58 7.63 6.87
CA PHE A 223 -19.99 7.94 6.80
C PHE A 223 -20.61 7.97 8.19
N PRO A 224 -20.17 8.92 9.02
CA PRO A 224 -20.67 9.03 10.38
C PRO A 224 -22.16 9.34 10.54
N LYS A 225 -22.79 9.90 9.51
CA LYS A 225 -24.21 10.23 9.60
C LYS A 225 -25.14 9.08 9.21
N ALA A 226 -24.60 8.00 8.66
CA ALA A 226 -25.45 6.88 8.25
C ALA A 226 -25.86 5.99 9.42
N GLU A 227 -27.00 5.33 9.27
CA GLU A 227 -27.49 4.43 10.31
C GLU A 227 -26.74 3.11 10.29
N PHE A 228 -26.76 2.41 11.41
CA PHE A 228 -26.06 1.14 11.50
C PHE A 228 -26.59 0.12 10.50
N ALA A 229 -27.87 0.21 10.18
CA ALA A 229 -28.46 -0.73 9.23
C ALA A 229 -27.83 -0.53 7.86
N GLU A 230 -27.63 0.72 7.48
CA GLU A 230 -27.04 1.04 6.21
C GLU A 230 -25.61 0.51 6.16
N VAL A 231 -24.83 0.85 7.19
CA VAL A 231 -23.44 0.41 7.28
C VAL A 231 -23.32 -1.11 7.27
N SER A 232 -24.28 -1.81 7.84
CA SER A 232 -24.20 -3.26 7.84
C SER A 232 -24.39 -3.72 6.43
N LYS A 233 -25.40 -3.16 5.78
CA LYS A 233 -25.71 -3.50 4.40
C LYS A 233 -24.45 -3.29 3.54
N LEU A 234 -23.77 -2.18 3.77
CA LEU A 234 -22.57 -1.87 3.00
C LEU A 234 -21.42 -2.82 3.31
N VAL A 235 -21.22 -3.14 4.59
CA VAL A 235 -20.11 -4.02 4.96
C VAL A 235 -20.27 -5.38 4.32
N THR A 236 -21.50 -5.87 4.31
CA THR A 236 -21.79 -7.17 3.71
C THR A 236 -21.40 -7.17 2.24
N ASP A 237 -21.96 -6.23 1.48
CA ASP A 237 -21.66 -6.13 0.05
C ASP A 237 -20.19 -5.90 -0.26
N LEU A 238 -19.55 -5.06 0.54
CA LEU A 238 -18.14 -4.73 0.41
C LEU A 238 -17.32 -6.02 0.61
N THR A 239 -17.84 -6.92 1.43
CA THR A 239 -17.15 -8.16 1.70
C THR A 239 -17.26 -9.10 0.52
N LYS A 240 -18.42 -9.13 -0.11
CA LYS A 240 -18.60 -9.99 -1.27
C LYS A 240 -17.64 -9.46 -2.33
N VAL A 241 -17.60 -8.15 -2.47
CA VAL A 241 -16.74 -7.50 -3.44
C VAL A 241 -15.25 -7.80 -3.27
N HIS A 242 -14.76 -7.80 -2.04
CA HIS A 242 -13.34 -8.08 -1.83
C HIS A 242 -12.97 -9.54 -2.11
N THR A 243 -13.81 -10.46 -1.68
CA THR A 243 -13.56 -11.86 -1.94
C THR A 243 -13.46 -12.04 -3.45
N GLU A 244 -14.52 -11.59 -4.12
CA GLU A 244 -14.62 -11.65 -5.56
C GLU A 244 -13.38 -11.06 -6.18
N CYS A 245 -13.15 -9.77 -5.97
CA CYS A 245 -11.98 -9.12 -6.53
C CYS A 245 -10.63 -9.75 -6.21
N CYS A 246 -10.51 -10.47 -5.10
CA CYS A 246 -9.24 -11.09 -4.76
C CYS A 246 -9.04 -12.41 -5.45
N HIS A 247 -10.16 -13.07 -5.78
CA HIS A 247 -10.09 -14.34 -6.47
C HIS A 247 -9.37 -14.09 -7.80
N GLY A 248 -9.40 -12.83 -8.25
CA GLY A 248 -8.73 -12.47 -9.49
C GLY A 248 -9.59 -12.28 -10.73
N ASP A 249 -10.89 -12.59 -10.66
CA ASP A 249 -11.74 -12.43 -11.84
C ASP A 249 -12.14 -10.97 -12.08
N LEU A 250 -11.42 -10.33 -12.99
CA LEU A 250 -11.66 -8.94 -13.35
C LEU A 250 -13.12 -8.57 -13.62
N LEU A 251 -13.78 -9.32 -14.50
CA LEU A 251 -15.16 -9.00 -14.84
C LEU A 251 -16.12 -9.02 -13.67
N GLU A 252 -16.16 -10.13 -12.96
CA GLU A 252 -17.05 -10.23 -11.84
C GLU A 252 -16.69 -9.13 -10.85
N CYS A 253 -15.39 -8.91 -10.66
CA CYS A 253 -14.92 -7.88 -9.74
C CYS A 253 -15.44 -6.51 -10.13
N ALA A 254 -15.29 -6.17 -11.41
CA ALA A 254 -15.75 -4.89 -11.92
C ALA A 254 -17.26 -4.66 -11.79
N ASP A 255 -18.05 -5.69 -12.03
CA ASP A 255 -19.50 -5.56 -11.93
C ASP A 255 -19.93 -5.37 -10.48
N ASP A 256 -19.37 -6.14 -9.58
CA ASP A 256 -19.73 -6.00 -8.19
C ASP A 256 -19.40 -4.57 -7.73
N ARG A 257 -18.28 -4.03 -8.19
CA ARG A 257 -17.90 -2.68 -7.82
C ARG A 257 -18.86 -1.67 -8.44
N ALA A 258 -19.34 -1.97 -9.63
CA ALA A 258 -20.26 -1.07 -10.31
C ALA A 258 -21.56 -1.00 -9.51
N ASP A 259 -22.14 -2.17 -9.26
CA ASP A 259 -23.39 -2.21 -8.53
C ASP A 259 -23.31 -1.47 -7.20
N LEU A 260 -22.23 -1.72 -6.46
CA LEU A 260 -22.05 -1.10 -5.16
C LEU A 260 -21.97 0.42 -5.21
N ALA A 261 -21.41 0.93 -6.30
CA ALA A 261 -21.26 2.37 -6.45
C ALA A 261 -22.62 3.02 -6.75
N LYS A 262 -23.37 2.42 -7.68
CA LYS A 262 -24.67 2.97 -8.05
C LYS A 262 -25.60 2.93 -6.85
N TYR A 263 -25.51 1.85 -6.08
CA TYR A 263 -26.34 1.70 -4.90
C TYR A 263 -26.06 2.89 -3.98
N ILE A 264 -24.79 3.06 -3.65
CA ILE A 264 -24.37 4.14 -2.78
C ILE A 264 -24.84 5.47 -3.29
N CYS A 265 -24.67 5.71 -4.59
CA CYS A 265 -25.08 6.98 -5.19
C CYS A 265 -26.57 7.25 -5.13
N GLU A 266 -27.37 6.20 -5.24
CA GLU A 266 -28.82 6.35 -5.17
C GLU A 266 -29.28 6.66 -3.74
N ASN A 267 -28.64 6.03 -2.76
CA ASN A 267 -28.98 6.25 -1.35
C ASN A 267 -28.02 7.27 -0.76
N GLN A 268 -27.49 8.10 -1.63
CA GLN A 268 -26.54 9.14 -1.28
C GLN A 268 -26.94 10.05 -0.11
N ASP A 269 -28.24 10.23 0.10
CA ASP A 269 -28.71 11.07 1.20
C ASP A 269 -28.66 10.38 2.54
N SER A 270 -28.86 9.07 2.54
CA SER A 270 -28.83 8.33 3.79
C SER A 270 -27.44 7.77 4.08
N ILE A 271 -26.44 8.28 3.37
CA ILE A 271 -25.07 7.81 3.55
C ILE A 271 -24.07 8.92 3.84
N SER A 272 -23.99 9.90 2.97
CA SER A 272 -23.01 10.98 3.16
C SER A 272 -23.28 12.15 2.25
N SER A 273 -22.78 13.32 2.62
CA SER A 273 -22.97 14.51 1.81
C SER A 273 -21.75 14.83 0.93
N LYS A 274 -20.60 14.24 1.24
CA LYS A 274 -19.38 14.50 0.47
C LYS A 274 -19.33 13.66 -0.83
N LEU A 275 -20.45 13.04 -1.18
CA LEU A 275 -20.53 12.18 -2.35
C LEU A 275 -21.08 12.75 -3.67
N LYS A 276 -21.45 14.03 -3.69
CA LYS A 276 -22.00 14.63 -4.89
C LYS A 276 -21.07 14.58 -6.10
N GLU A 277 -19.84 15.08 -5.93
CA GLU A 277 -18.85 15.08 -7.00
C GLU A 277 -18.67 13.66 -7.59
N CYS A 278 -18.29 12.73 -6.74
CA CYS A 278 -18.08 11.34 -7.13
C CYS A 278 -19.25 10.71 -7.88
N CYS A 279 -20.46 11.04 -7.48
CA CYS A 279 -21.59 10.42 -8.13
C CYS A 279 -22.01 11.07 -9.43
N GLU A 280 -21.31 12.14 -9.79
CA GLU A 280 -21.61 12.86 -11.03
C GLU A 280 -20.68 12.36 -12.13
N LYS A 281 -19.61 11.66 -11.75
CA LYS A 281 -18.64 11.15 -12.71
C LYS A 281 -19.11 9.92 -13.48
N PRO A 282 -18.38 9.56 -14.56
CA PRO A 282 -18.72 8.40 -15.38
C PRO A 282 -18.40 7.04 -14.75
N LEU A 283 -19.18 6.05 -15.18
CA LEU A 283 -19.08 4.66 -14.73
C LEU A 283 -17.69 4.21 -14.31
N LEU A 284 -16.75 4.34 -15.23
CA LEU A 284 -15.38 3.93 -15.01
C LEU A 284 -14.73 4.49 -13.75
N GLU A 285 -15.12 5.68 -13.30
CA GLU A 285 -14.48 6.27 -12.14
C GLU A 285 -15.28 6.37 -10.83
N LYS A 286 -16.55 6.01 -10.83
CA LYS A 286 -17.32 6.14 -9.60
C LYS A 286 -16.70 5.46 -8.39
N SER A 287 -16.48 4.14 -8.48
CA SER A 287 -15.88 3.37 -7.38
C SER A 287 -14.62 4.02 -6.85
N HIS A 288 -13.65 4.19 -7.73
CA HIS A 288 -12.38 4.78 -7.38
C HIS A 288 -12.56 6.08 -6.60
N CYS A 289 -13.44 6.94 -7.09
CA CYS A 289 -13.71 8.22 -6.46
C CYS A 289 -14.27 8.01 -5.05
N ILE A 290 -15.30 7.17 -4.97
CA ILE A 290 -15.93 6.90 -3.70
C ILE A 290 -15.00 6.33 -2.65
N ALA A 291 -14.16 5.36 -3.00
CA ALA A 291 -13.27 4.76 -2.03
C ALA A 291 -12.25 5.74 -1.51
N GLU A 292 -12.12 6.86 -2.22
CA GLU A 292 -11.16 7.91 -1.88
C GLU A 292 -11.80 9.11 -1.17
N VAL A 293 -13.12 9.18 -1.21
CA VAL A 293 -13.88 10.28 -0.63
C VAL A 293 -13.42 10.70 0.76
N GLU A 294 -13.64 11.97 1.07
CA GLU A 294 -13.26 12.56 2.34
C GLU A 294 -14.30 12.22 3.43
N ASN A 295 -13.86 12.24 4.68
CA ASN A 295 -14.77 11.93 5.79
C ASN A 295 -15.88 12.96 5.84
N ASP A 296 -17.11 12.51 6.03
CA ASP A 296 -18.22 13.44 6.13
C ASP A 296 -18.21 13.88 7.60
N GLU A 297 -18.91 14.96 7.90
CA GLU A 297 -18.93 15.44 9.28
C GLU A 297 -19.94 14.72 10.16
N MET A 298 -19.57 14.55 11.42
CA MET A 298 -20.42 13.87 12.39
C MET A 298 -21.50 14.77 12.98
N PRO A 299 -22.62 14.17 13.41
CA PRO A 299 -23.81 14.76 14.01
C PRO A 299 -23.71 15.85 15.08
N ALA A 300 -22.64 15.87 15.87
CA ALA A 300 -22.49 16.88 16.93
C ALA A 300 -23.51 16.68 18.05
N ASP A 301 -24.73 16.31 17.66
CA ASP A 301 -25.79 16.05 18.62
C ASP A 301 -25.75 14.56 18.94
N LEU A 302 -24.56 14.06 19.26
CA LEU A 302 -24.38 12.64 19.56
C LEU A 302 -24.19 12.34 21.03
N PRO A 303 -24.87 11.31 21.54
CA PRO A 303 -24.84 10.84 22.92
C PRO A 303 -23.48 10.35 23.37
N SER A 304 -23.43 9.84 24.60
CA SER A 304 -22.20 9.32 25.15
C SER A 304 -22.26 7.80 25.04
N LEU A 305 -21.17 7.19 24.63
CA LEU A 305 -21.12 5.74 24.48
C LEU A 305 -21.43 5.02 25.77
N ALA A 306 -20.95 5.55 26.90
CA ALA A 306 -21.17 4.94 28.21
C ALA A 306 -22.65 4.67 28.48
N ALA A 307 -23.52 5.53 27.96
CA ALA A 307 -24.95 5.32 28.17
C ALA A 307 -25.33 3.91 27.76
N ASP A 308 -25.30 3.66 26.46
CA ASP A 308 -25.68 2.37 25.88
C ASP A 308 -24.68 1.21 26.08
N PHE A 309 -23.41 1.50 26.31
CA PHE A 309 -22.46 0.41 26.46
C PHE A 309 -21.82 0.18 27.82
N VAL A 310 -22.17 0.99 28.81
CA VAL A 310 -21.57 0.82 30.14
C VAL A 310 -22.57 0.94 31.28
N GLU A 311 -23.36 2.01 31.25
CA GLU A 311 -24.34 2.29 32.28
C GLU A 311 -25.64 1.51 32.10
N SER A 312 -26.20 1.56 30.90
CA SER A 312 -27.45 0.86 30.62
C SER A 312 -27.40 -0.58 31.07
N LYS A 313 -28.34 -0.95 31.93
CA LYS A 313 -28.41 -2.35 32.37
C LYS A 313 -28.83 -3.04 31.08
N ASP A 314 -28.57 -4.34 30.97
CA ASP A 314 -28.90 -5.13 29.78
C ASP A 314 -27.71 -5.35 28.86
N VAL A 315 -26.67 -4.54 29.01
CA VAL A 315 -25.50 -4.70 28.16
C VAL A 315 -25.37 -6.18 27.79
N CYS A 316 -25.29 -7.04 28.80
CA CYS A 316 -25.17 -8.48 28.55
C CYS A 316 -26.34 -9.12 27.79
N LYS A 317 -27.57 -8.80 28.16
CA LYS A 317 -28.72 -9.36 27.48
C LYS A 317 -28.60 -9.07 25.97
N ASN A 318 -28.34 -7.81 25.63
CA ASN A 318 -28.21 -7.42 24.24
C ASN A 318 -26.98 -8.02 23.57
N TYR A 319 -25.92 -8.22 24.35
CA TYR A 319 -24.71 -8.79 23.80
C TYR A 319 -24.86 -10.29 23.57
N ALA A 320 -25.52 -10.97 24.50
CA ALA A 320 -25.70 -12.41 24.38
C ALA A 320 -26.69 -12.74 23.28
N GLU A 321 -27.59 -11.81 22.99
CA GLU A 321 -28.59 -11.98 21.95
C GLU A 321 -27.98 -12.05 20.53
N ALA A 322 -26.89 -11.32 20.31
CA ALA A 322 -26.19 -11.28 19.02
C ALA A 322 -24.83 -10.63 19.26
N LYS A 323 -23.86 -11.43 19.66
CA LYS A 323 -22.54 -10.93 19.99
C LYS A 323 -21.79 -10.07 19.00
N ASP A 324 -21.61 -10.56 17.78
CA ASP A 324 -20.90 -9.78 16.77
C ASP A 324 -21.66 -8.53 16.41
N VAL A 325 -22.98 -8.62 16.36
CA VAL A 325 -23.80 -7.48 16.01
C VAL A 325 -23.65 -6.37 17.05
N PHE A 326 -23.71 -6.77 18.31
CA PHE A 326 -23.58 -5.81 19.39
C PHE A 326 -22.19 -5.17 19.30
N LEU A 327 -21.17 -6.01 19.14
CA LEU A 327 -19.82 -5.48 19.03
C LEU A 327 -19.67 -4.61 17.78
N GLY A 328 -20.41 -4.97 16.74
CA GLY A 328 -20.35 -4.18 15.51
C GLY A 328 -20.92 -2.81 15.83
N MET A 329 -21.99 -2.81 16.61
CA MET A 329 -22.62 -1.58 17.03
C MET A 329 -21.63 -0.73 17.85
N PHE A 330 -20.87 -1.37 18.72
CA PHE A 330 -19.88 -0.68 19.53
C PHE A 330 -18.91 0.06 18.60
N LEU A 331 -18.33 -0.68 17.65
CA LEU A 331 -17.41 -0.09 16.68
C LEU A 331 -18.04 1.04 15.92
N TYR A 332 -19.19 0.78 15.31
CA TYR A 332 -19.86 1.84 14.56
C TYR A 332 -19.91 3.09 15.44
N GLU A 333 -20.47 2.95 16.63
CA GLU A 333 -20.58 4.08 17.52
C GLU A 333 -19.23 4.70 17.82
N TYR A 334 -18.26 3.87 18.18
CA TYR A 334 -16.95 4.42 18.50
C TYR A 334 -16.20 5.02 17.31
N ALA A 335 -16.29 4.36 16.16
CA ALA A 335 -15.56 4.81 14.99
C ALA A 335 -16.03 6.13 14.43
N ARG A 336 -17.34 6.33 14.39
CA ARG A 336 -17.85 7.57 13.83
C ARG A 336 -17.64 8.82 14.68
N ARG A 337 -17.21 8.63 15.92
CA ARG A 337 -16.96 9.77 16.78
C ARG A 337 -15.46 10.01 16.78
N HIS A 338 -14.72 9.11 16.12
CA HIS A 338 -13.27 9.23 16.08
C HIS A 338 -12.59 9.04 14.72
N PRO A 339 -12.72 10.02 13.83
CA PRO A 339 -12.07 9.88 12.53
C PRO A 339 -10.57 10.05 12.74
N ASP A 340 -10.21 10.49 13.94
CA ASP A 340 -8.80 10.70 14.26
C ASP A 340 -8.04 9.46 14.71
N TYR A 341 -8.73 8.35 14.94
CA TYR A 341 -8.03 7.13 15.34
C TYR A 341 -7.74 6.26 14.12
N SER A 342 -6.68 5.46 14.23
CA SER A 342 -6.34 4.53 13.16
C SER A 342 -7.36 3.39 13.34
N VAL A 343 -7.66 2.67 12.28
CA VAL A 343 -8.64 1.59 12.38
C VAL A 343 -8.22 0.50 13.38
N VAL A 344 -6.96 0.09 13.32
CA VAL A 344 -6.48 -0.94 14.22
C VAL A 344 -6.65 -0.54 15.71
N LEU A 345 -6.44 0.73 16.04
CA LEU A 345 -6.62 1.22 17.41
C LEU A 345 -8.08 0.95 17.80
N LEU A 346 -8.99 1.29 16.91
CA LEU A 346 -10.40 1.05 17.16
C LEU A 346 -10.65 -0.43 17.35
N LEU A 347 -9.94 -1.26 16.60
CA LEU A 347 -10.10 -2.71 16.73
C LEU A 347 -9.58 -3.15 18.10
N ARG A 348 -8.49 -2.57 18.56
CA ARG A 348 -7.95 -2.92 19.87
C ARG A 348 -8.92 -2.55 20.99
N LEU A 349 -9.68 -1.47 20.81
CA LEU A 349 -10.63 -1.09 21.85
C LEU A 349 -11.76 -2.10 21.84
N ALA A 350 -12.27 -2.40 20.65
CA ALA A 350 -13.37 -3.34 20.50
C ALA A 350 -13.01 -4.71 21.07
N LYS A 351 -11.76 -5.10 20.92
CA LYS A 351 -11.31 -6.39 21.41
C LYS A 351 -11.26 -6.36 22.94
N THR A 352 -10.71 -5.27 23.50
CA THR A 352 -10.62 -5.12 24.94
C THR A 352 -12.01 -5.17 25.56
N TYR A 353 -12.96 -4.54 24.89
CA TYR A 353 -14.35 -4.50 25.34
C TYR A 353 -14.99 -5.90 25.27
N GLU A 354 -14.63 -6.66 24.23
CA GLU A 354 -15.16 -8.01 24.04
C GLU A 354 -14.63 -8.93 25.13
N THR A 355 -13.35 -8.79 25.44
CA THR A 355 -12.73 -9.59 26.47
C THR A 355 -13.43 -9.31 27.78
N THR A 356 -13.66 -8.04 28.07
CA THR A 356 -14.32 -7.63 29.29
C THR A 356 -15.74 -8.21 29.37
N LEU A 357 -16.55 -7.97 28.35
CA LEU A 357 -17.93 -8.49 28.35
C LEU A 357 -17.96 -9.99 28.58
N GLU A 358 -16.94 -10.67 28.09
CA GLU A 358 -16.87 -12.11 28.25
C GLU A 358 -16.60 -12.49 29.70
N LYS A 359 -15.74 -11.72 30.37
CA LYS A 359 -15.42 -12.00 31.76
C LYS A 359 -16.52 -11.52 32.69
N CYS A 360 -17.03 -10.33 32.42
CA CYS A 360 -18.05 -9.74 33.27
C CYS A 360 -19.47 -10.27 33.18
N CYS A 361 -19.94 -10.58 31.98
CA CYS A 361 -21.30 -11.05 31.84
C CYS A 361 -21.54 -12.39 32.51
N ALA A 362 -20.46 -13.04 32.91
CA ALA A 362 -20.57 -14.32 33.57
C ALA A 362 -20.04 -14.15 34.99
N ALA A 363 -20.52 -13.11 35.66
CA ALA A 363 -20.09 -12.83 37.03
C ALA A 363 -21.26 -12.41 37.88
N ALA A 364 -21.04 -12.38 39.19
CA ALA A 364 -22.06 -12.00 40.16
C ALA A 364 -22.85 -10.79 39.70
N ASP A 365 -22.26 -9.61 39.83
CA ASP A 365 -22.89 -8.37 39.44
C ASP A 365 -22.20 -7.77 38.22
N PRO A 366 -22.70 -8.10 37.02
CA PRO A 366 -22.16 -7.62 35.75
C PRO A 366 -21.78 -6.14 35.79
N HIS A 367 -22.80 -5.30 35.78
CA HIS A 367 -22.66 -3.85 35.80
C HIS A 367 -21.49 -3.28 36.62
N GLU A 368 -21.09 -3.95 37.69
CA GLU A 368 -20.00 -3.45 38.53
C GLU A 368 -18.64 -3.95 38.10
N CYS A 369 -18.64 -5.09 37.43
CA CYS A 369 -17.40 -5.72 36.95
C CYS A 369 -16.87 -4.96 35.75
N TYR A 370 -17.79 -4.48 34.91
CA TYR A 370 -17.41 -3.76 33.69
C TYR A 370 -17.68 -2.27 33.72
N ALA A 371 -18.01 -1.74 34.89
CA ALA A 371 -18.31 -0.31 35.03
C ALA A 371 -17.17 0.64 34.67
N LYS A 372 -15.93 0.18 34.83
CA LYS A 372 -14.79 1.04 34.53
C LYS A 372 -14.01 0.63 33.28
N VAL A 373 -14.66 -0.09 32.36
CA VAL A 373 -13.99 -0.56 31.15
C VAL A 373 -13.38 0.55 30.28
N PHE A 374 -14.01 1.71 30.24
CA PHE A 374 -13.50 2.83 29.47
C PHE A 374 -12.17 3.35 30.00
N ASP A 375 -11.85 3.01 31.24
CA ASP A 375 -10.60 3.45 31.82
C ASP A 375 -9.46 2.60 31.29
N GLU A 376 -9.80 1.44 30.74
CA GLU A 376 -8.79 0.56 30.18
C GLU A 376 -8.34 1.05 28.81
N PHE A 377 -9.28 1.69 28.10
CA PHE A 377 -9.02 2.23 26.78
C PHE A 377 -7.93 3.30 26.79
N LYS A 378 -7.87 4.07 27.88
CA LYS A 378 -6.92 5.18 28.02
C LYS A 378 -5.48 4.96 27.53
N PRO A 379 -4.73 4.03 28.15
CA PRO A 379 -3.36 3.80 27.70
C PRO A 379 -3.27 3.25 26.27
N LEU A 380 -4.32 2.56 25.84
CA LEU A 380 -4.39 2.01 24.50
C LEU A 380 -4.44 3.13 23.48
N VAL A 381 -5.18 4.17 23.81
CA VAL A 381 -5.31 5.32 22.95
C VAL A 381 -4.08 6.20 23.04
N GLU A 382 -3.51 6.32 24.23
CA GLU A 382 -2.35 7.19 24.44
C GLU A 382 -1.01 6.71 23.91
N GLU A 383 -0.83 5.41 23.83
CA GLU A 383 0.42 4.86 23.34
C GLU A 383 0.74 5.35 21.92
N PRO A 384 -0.14 5.08 20.95
CA PRO A 384 0.08 5.52 19.58
C PRO A 384 0.18 7.04 19.48
N GLN A 385 -0.71 7.74 20.17
CA GLN A 385 -0.70 9.19 20.19
C GLN A 385 0.69 9.76 20.53
N ASN A 386 1.30 9.24 21.60
CA ASN A 386 2.62 9.73 22.01
C ASN A 386 3.73 9.33 21.02
N LEU A 387 3.58 8.21 20.33
CA LEU A 387 4.61 7.82 19.38
C LEU A 387 4.65 8.84 18.25
N ILE A 388 3.47 9.21 17.74
CA ILE A 388 3.35 10.19 16.67
C ILE A 388 4.01 11.52 17.09
N LYS A 389 3.57 12.05 18.24
CA LYS A 389 4.09 13.31 18.75
C LYS A 389 5.60 13.35 18.87
N GLN A 390 6.16 12.40 19.62
CA GLN A 390 7.60 12.34 19.80
C GLN A 390 8.33 12.28 18.48
N ASN A 391 7.94 11.33 17.63
CA ASN A 391 8.61 11.20 16.35
C ASN A 391 8.42 12.39 15.41
N CYS A 392 7.25 13.00 15.42
CA CYS A 392 7.05 14.14 14.54
C CYS A 392 7.82 15.35 15.04
N GLU A 393 7.98 15.45 16.36
CA GLU A 393 8.74 16.57 16.89
C GLU A 393 10.17 16.43 16.40
N LEU A 394 10.74 15.25 16.62
CA LEU A 394 12.11 14.93 16.23
C LEU A 394 12.34 15.20 14.75
N PHE A 395 11.34 14.88 13.95
CA PHE A 395 11.42 15.10 12.52
C PHE A 395 11.48 16.58 12.16
N GLU A 396 10.83 17.43 12.94
CA GLU A 396 10.86 18.86 12.66
C GLU A 396 12.22 19.47 12.97
N GLN A 397 12.85 18.99 14.04
CA GLN A 397 14.17 19.46 14.45
C GLN A 397 15.19 19.10 13.38
N LEU A 398 15.32 17.81 13.09
CA LEU A 398 16.25 17.33 12.06
C LEU A 398 15.44 17.43 10.78
N GLY A 399 16.00 17.03 9.66
CA GLY A 399 15.22 17.07 8.44
C GLY A 399 14.89 15.64 8.04
N GLU A 400 14.28 15.46 6.88
CA GLU A 400 13.97 14.10 6.46
C GLU A 400 15.24 13.26 6.51
N TYR A 401 16.36 13.87 6.15
CA TYR A 401 17.65 13.19 6.10
C TYR A 401 18.25 12.87 7.47
N LYS A 402 18.49 13.89 8.29
CA LYS A 402 19.05 13.67 9.61
C LYS A 402 18.08 12.81 10.42
N PHE A 403 16.81 12.87 10.06
CA PHE A 403 15.80 12.08 10.75
C PHE A 403 15.98 10.62 10.38
N GLN A 404 16.33 10.38 9.11
CA GLN A 404 16.54 9.03 8.63
C GLN A 404 17.75 8.41 9.31
N ASN A 405 18.72 9.25 9.66
CA ASN A 405 19.92 8.73 10.32
C ASN A 405 19.64 8.35 11.77
N ALA A 406 18.68 9.03 12.37
CA ALA A 406 18.26 8.77 13.74
C ALA A 406 17.59 7.41 13.79
N LEU A 407 16.73 7.15 12.81
CA LEU A 407 16.04 5.87 12.75
C LEU A 407 17.06 4.77 12.49
N LEU A 408 18.05 5.08 11.64
CA LEU A 408 19.08 4.12 11.32
C LEU A 408 19.78 3.62 12.58
N VAL A 409 20.29 4.55 13.37
CA VAL A 409 20.96 4.17 14.61
C VAL A 409 20.02 3.35 15.50
N ARG A 410 18.83 3.89 15.72
CA ARG A 410 17.82 3.28 16.55
C ARG A 410 17.47 1.81 16.22
N TYR A 411 17.18 1.54 14.95
CA TYR A 411 16.80 0.19 14.56
C TYR A 411 17.96 -0.80 14.33
N THR A 412 19.13 -0.28 14.01
CA THR A 412 20.28 -1.15 13.81
C THR A 412 20.53 -1.80 15.16
N LYS A 413 20.33 -1.02 16.21
CA LYS A 413 20.54 -1.51 17.56
C LYS A 413 19.49 -2.56 17.95
N LYS A 414 18.23 -2.33 17.57
CA LYS A 414 17.19 -3.27 17.92
C LYS A 414 17.44 -4.64 17.31
N VAL A 415 17.74 -4.65 16.02
CA VAL A 415 17.98 -5.90 15.29
C VAL A 415 19.22 -5.83 14.38
N PRO A 416 20.41 -5.90 14.99
CA PRO A 416 21.70 -5.84 14.30
C PRO A 416 21.87 -6.96 13.29
N GLN A 417 21.15 -8.05 13.52
CA GLN A 417 21.20 -9.22 12.66
C GLN A 417 20.75 -8.86 11.25
N VAL A 418 19.84 -7.91 11.15
CA VAL A 418 19.32 -7.50 9.85
C VAL A 418 20.39 -6.95 8.93
N SER A 419 20.23 -7.26 7.65
CA SER A 419 21.16 -6.82 6.61
C SER A 419 21.17 -5.31 6.47
N THR A 420 22.35 -4.77 6.22
CA THR A 420 22.54 -3.34 6.08
C THR A 420 21.70 -2.70 4.97
N PRO A 421 21.76 -3.25 3.76
CA PRO A 421 20.95 -2.66 2.69
C PRO A 421 19.46 -2.61 3.00
N THR A 422 19.01 -3.52 3.85
CA THR A 422 17.60 -3.58 4.23
C THR A 422 17.30 -2.53 5.30
N LEU A 423 18.26 -2.31 6.20
CA LEU A 423 18.07 -1.31 7.25
C LEU A 423 18.01 0.09 6.62
N VAL A 424 18.78 0.30 5.56
CA VAL A 424 18.79 1.59 4.89
C VAL A 424 17.48 1.83 4.12
N GLU A 425 17.01 0.80 3.44
CA GLU A 425 15.77 0.88 2.66
C GLU A 425 14.60 1.26 3.57
N VAL A 426 14.47 0.50 4.66
CA VAL A 426 13.39 0.71 5.62
C VAL A 426 13.41 2.07 6.29
N SER A 427 14.56 2.48 6.81
CA SER A 427 14.66 3.77 7.48
C SER A 427 14.33 4.93 6.57
N ARG A 428 14.69 4.82 5.30
CA ARG A 428 14.40 5.90 4.36
C ARG A 428 12.89 5.99 4.11
N ASN A 429 12.22 4.85 4.03
CA ASN A 429 10.77 4.85 3.81
C ASN A 429 10.08 5.38 5.05
N LEU A 430 10.60 5.01 6.21
CA LEU A 430 10.04 5.47 7.46
C LEU A 430 10.16 6.99 7.46
N GLY A 431 11.30 7.46 6.99
CA GLY A 431 11.56 8.88 6.91
C GLY A 431 10.58 9.56 5.97
N LYS A 432 10.21 8.88 4.90
CA LYS A 432 9.25 9.45 3.95
C LYS A 432 7.93 9.62 4.66
N VAL A 433 7.46 8.57 5.30
CA VAL A 433 6.20 8.59 6.03
C VAL A 433 6.23 9.76 7.00
N GLY A 434 7.41 10.03 7.55
CA GLY A 434 7.56 11.13 8.48
C GLY A 434 7.20 12.48 7.88
N SER A 435 7.76 12.77 6.70
CA SER A 435 7.49 14.04 6.04
C SER A 435 6.12 14.06 5.39
N LYS A 436 5.55 12.88 5.16
CA LYS A 436 4.24 12.80 4.55
C LYS A 436 3.14 13.12 5.58
N CYS A 437 3.20 12.45 6.73
CA CYS A 437 2.18 12.59 7.75
C CYS A 437 2.37 13.67 8.81
N CYS A 438 3.61 14.02 9.13
CA CYS A 438 3.82 15.02 10.16
C CYS A 438 3.41 16.43 9.76
N LYS A 439 3.10 16.65 8.48
CA LYS A 439 2.69 17.97 8.08
C LYS A 439 1.18 18.14 8.20
N HIS A 440 0.50 17.08 8.62
CA HIS A 440 -0.94 17.15 8.84
C HIS A 440 -1.18 17.52 10.30
N PRO A 441 -2.37 18.03 10.61
CA PRO A 441 -2.61 18.38 12.00
C PRO A 441 -2.96 17.09 12.74
N GLU A 442 -2.67 17.07 14.04
CA GLU A 442 -2.92 15.93 14.92
C GLU A 442 -4.15 15.08 14.57
N ALA A 443 -5.26 15.72 14.25
CA ALA A 443 -6.48 14.99 13.94
C ALA A 443 -6.39 14.02 12.77
N LYS A 444 -5.41 14.20 11.91
CA LYS A 444 -5.27 13.31 10.77
C LYS A 444 -3.97 12.51 10.76
N ARG A 445 -3.13 12.73 11.77
CA ARG A 445 -1.86 12.04 11.81
C ARG A 445 -1.95 10.52 11.95
N MET A 446 -2.72 10.03 12.93
CA MET A 446 -2.81 8.59 13.13
C MET A 446 -3.35 7.84 11.93
N PRO A 447 -4.42 8.34 11.31
CA PRO A 447 -4.92 7.59 10.15
C PRO A 447 -3.85 7.50 9.09
N CYS A 448 -3.15 8.62 8.85
CA CYS A 448 -2.11 8.68 7.83
C CYS A 448 -1.00 7.67 8.04
N ALA A 449 -0.42 7.68 9.23
CA ALA A 449 0.66 6.77 9.56
C ALA A 449 0.23 5.32 9.39
N GLU A 450 -0.98 5.00 9.85
CA GLU A 450 -1.47 3.65 9.71
C GLU A 450 -1.44 3.22 8.25
N ASP A 451 -2.03 4.03 7.38
CA ASP A 451 -2.07 3.70 5.97
C ASP A 451 -0.71 3.36 5.37
N TYR A 452 0.29 4.21 5.63
CA TYR A 452 1.63 3.95 5.09
C TYR A 452 2.40 2.88 5.83
N LEU A 453 2.39 2.97 7.16
CA LEU A 453 3.10 2.00 7.98
C LEU A 453 2.64 0.58 7.80
N SER A 454 1.41 0.38 7.32
CA SER A 454 0.92 -0.99 7.15
C SER A 454 1.59 -1.71 5.97
N VAL A 455 1.87 -1.01 4.88
CA VAL A 455 2.50 -1.67 3.75
C VAL A 455 3.97 -1.87 4.05
N VAL A 456 4.57 -0.90 4.74
CA VAL A 456 5.97 -1.00 5.08
C VAL A 456 6.18 -2.18 6.01
N LEU A 457 5.34 -2.30 7.03
CA LEU A 457 5.42 -3.37 7.99
C LEU A 457 5.16 -4.71 7.32
N ASN A 458 4.16 -4.74 6.45
CA ASN A 458 3.82 -5.97 5.78
C ASN A 458 4.92 -6.43 4.86
N GLN A 459 5.46 -5.48 4.10
CA GLN A 459 6.52 -5.79 3.16
C GLN A 459 7.80 -6.24 3.82
N LEU A 460 8.10 -5.71 4.99
CA LEU A 460 9.33 -6.13 5.65
C LEU A 460 9.13 -7.53 6.23
N CYS A 461 7.88 -7.88 6.53
CA CYS A 461 7.61 -9.20 7.07
C CYS A 461 7.81 -10.28 6.02
N VAL A 462 7.42 -9.99 4.79
CA VAL A 462 7.57 -10.98 3.75
C VAL A 462 9.05 -11.27 3.52
N LEU A 463 9.87 -10.22 3.42
CA LEU A 463 11.29 -10.41 3.22
C LEU A 463 11.80 -11.38 4.27
N HIS A 464 11.49 -11.07 5.51
CA HIS A 464 11.93 -11.90 6.62
C HIS A 464 11.34 -13.29 6.49
N GLU A 465 10.20 -13.39 5.84
CA GLU A 465 9.58 -14.69 5.67
C GLU A 465 10.51 -15.50 4.76
N LYS A 466 11.07 -14.82 3.77
CA LYS A 466 11.98 -15.44 2.82
C LYS A 466 13.34 -15.76 3.43
N THR A 467 13.80 -14.91 4.32
CA THR A 467 15.10 -15.11 4.94
C THR A 467 15.13 -14.64 6.39
N PRO A 468 14.49 -15.41 7.28
CA PRO A 468 14.41 -15.09 8.71
C PRO A 468 15.77 -14.82 9.29
N VAL A 469 15.83 -13.87 10.21
CA VAL A 469 17.09 -13.50 10.83
C VAL A 469 16.93 -13.41 12.34
N SER A 470 15.71 -13.12 12.78
CA SER A 470 15.42 -13.01 14.21
C SER A 470 14.06 -13.56 14.62
N ASP A 471 14.06 -14.34 15.70
CA ASP A 471 12.82 -14.92 16.20
C ASP A 471 11.89 -13.79 16.64
N ARG A 472 12.47 -12.73 17.20
CA ARG A 472 11.69 -11.58 17.65
C ARG A 472 10.84 -10.99 16.53
N VAL A 473 11.46 -10.74 15.38
CA VAL A 473 10.78 -10.18 14.22
C VAL A 473 9.69 -11.15 13.75
N THR A 474 10.03 -12.42 13.75
CA THR A 474 9.09 -13.45 13.33
C THR A 474 7.90 -13.48 14.28
N LYS A 475 8.16 -13.20 15.56
CA LYS A 475 7.09 -13.19 16.54
C LYS A 475 6.11 -12.07 16.17
N CYS A 476 6.64 -10.87 16.01
CA CYS A 476 5.83 -9.73 15.64
C CYS A 476 5.14 -9.92 14.30
N CYS A 477 5.87 -10.45 13.33
CA CYS A 477 5.31 -10.67 12.00
C CYS A 477 4.22 -11.71 11.89
N THR A 478 4.10 -12.58 12.89
CA THR A 478 3.07 -13.62 12.87
C THR A 478 2.06 -13.36 13.97
N GLU A 479 2.20 -12.22 14.62
CA GLU A 479 1.30 -11.83 15.68
C GLU A 479 -0.04 -11.43 15.06
N SER A 480 -1.04 -11.09 15.88
CA SER A 480 -2.35 -10.69 15.37
C SER A 480 -2.25 -9.35 14.68
N LEU A 481 -3.16 -9.09 13.74
CA LEU A 481 -3.17 -7.83 13.00
C LEU A 481 -3.17 -6.65 13.97
N VAL A 482 -3.76 -6.86 15.14
CA VAL A 482 -3.86 -5.84 16.16
C VAL A 482 -2.60 -5.65 17.02
N ASN A 483 -1.78 -6.69 17.13
CA ASN A 483 -0.58 -6.55 17.95
C ASN A 483 0.69 -6.32 17.15
N ARG A 484 0.61 -6.43 15.83
CA ARG A 484 1.78 -6.26 15.00
C ARG A 484 2.60 -5.01 15.34
N ARG A 485 2.09 -3.82 15.02
CA ARG A 485 2.84 -2.58 15.28
C ARG A 485 3.26 -2.45 16.74
N PRO A 486 2.34 -2.71 17.69
CA PRO A 486 2.72 -2.60 19.09
C PRO A 486 3.90 -3.53 19.42
N CYS A 487 3.87 -4.73 18.83
CA CYS A 487 4.94 -5.73 19.03
C CYS A 487 6.27 -5.17 18.54
N PHE A 488 6.26 -4.56 17.38
CA PHE A 488 7.49 -3.97 16.82
C PHE A 488 7.95 -2.78 17.68
N SER A 489 7.00 -1.98 18.18
CA SER A 489 7.34 -0.84 19.01
C SER A 489 8.02 -1.28 20.30
N ALA A 490 7.69 -2.49 20.76
CA ALA A 490 8.24 -3.03 21.99
C ALA A 490 9.63 -3.65 21.89
N LEU A 491 10.15 -3.78 20.69
CA LEU A 491 11.49 -4.34 20.55
C LEU A 491 12.51 -3.45 21.20
N GLU A 492 13.28 -4.01 22.13
CA GLU A 492 14.31 -3.23 22.80
C GLU A 492 15.67 -3.68 22.28
N VAL A 493 16.71 -2.94 22.64
CA VAL A 493 18.07 -3.25 22.21
C VAL A 493 18.47 -4.70 22.39
N ASP A 494 19.12 -5.26 21.38
CA ASP A 494 19.59 -6.65 21.38
C ASP A 494 20.90 -6.72 22.14
N GLU A 495 20.86 -7.26 23.35
CA GLU A 495 22.05 -7.37 24.19
C GLU A 495 22.94 -8.54 23.80
N THR A 496 22.31 -9.62 23.37
CA THR A 496 23.00 -10.84 22.97
C THR A 496 24.02 -10.60 21.86
N TYR A 497 23.63 -9.84 20.85
CA TYR A 497 24.47 -9.55 19.69
C TYR A 497 25.97 -9.35 19.90
N VAL A 498 26.75 -9.87 18.96
CA VAL A 498 28.21 -9.75 18.99
C VAL A 498 28.66 -8.90 17.81
N PRO A 499 29.26 -7.72 18.09
CA PRO A 499 29.74 -6.80 17.05
C PRO A 499 30.57 -7.39 15.92
N LYS A 500 30.29 -6.92 14.70
CA LYS A 500 30.99 -7.37 13.51
C LYS A 500 32.45 -6.98 13.69
N GLU A 501 33.36 -7.87 13.32
CA GLU A 501 34.77 -7.56 13.46
C GLU A 501 35.16 -6.48 12.47
N PHE A 502 36.03 -5.58 12.91
CA PHE A 502 36.46 -4.47 12.07
C PHE A 502 36.97 -4.92 10.71
N ASN A 503 36.59 -4.14 9.70
CA ASN A 503 37.02 -4.39 8.33
C ASN A 503 37.41 -3.04 7.74
N ALA A 504 38.70 -2.84 7.54
CA ALA A 504 39.22 -1.59 7.01
C ALA A 504 38.55 -1.13 5.72
N GLU A 505 38.26 -2.07 4.83
CA GLU A 505 37.63 -1.73 3.55
C GLU A 505 36.31 -0.99 3.75
N THR A 506 35.44 -1.52 4.61
CA THR A 506 34.14 -0.93 4.92
C THR A 506 34.18 0.55 5.26
N PHE A 507 35.27 0.99 5.88
CA PHE A 507 35.38 2.39 6.26
C PHE A 507 36.40 3.16 5.45
N THR A 508 36.52 2.80 4.18
CA THR A 508 37.45 3.46 3.26
C THR A 508 36.65 4.29 2.25
N PHE A 509 37.07 5.54 2.03
CA PHE A 509 36.35 6.39 1.10
C PHE A 509 37.21 7.12 0.08
N HIS A 510 36.79 7.06 -1.18
CA HIS A 510 37.51 7.74 -2.25
C HIS A 510 36.70 8.96 -2.67
N ALA A 511 37.27 9.76 -3.55
CA ALA A 511 36.61 10.97 -4.02
C ALA A 511 35.37 10.72 -4.87
N ASP A 512 35.11 9.46 -5.20
CA ASP A 512 33.95 9.14 -6.01
C ASP A 512 32.65 9.51 -5.31
N ILE A 513 32.76 10.02 -4.08
CA ILE A 513 31.59 10.41 -3.31
C ILE A 513 31.36 11.92 -3.42
N CYS A 514 32.32 12.61 -4.02
CA CYS A 514 32.21 14.05 -4.20
C CYS A 514 31.44 14.28 -5.49
N THR A 515 31.62 13.36 -6.42
CA THR A 515 30.97 13.42 -7.72
C THR A 515 29.57 12.82 -7.70
N LEU A 516 29.30 11.94 -6.74
CA LEU A 516 27.98 11.32 -6.65
C LEU A 516 26.88 12.32 -6.33
N SER A 517 25.64 11.92 -6.60
CA SER A 517 24.47 12.76 -6.36
C SER A 517 23.93 12.58 -4.94
N GLU A 518 23.14 13.55 -4.49
CA GLU A 518 22.54 13.52 -3.16
C GLU A 518 22.09 12.13 -2.73
N LYS A 519 21.07 11.61 -3.39
CA LYS A 519 20.54 10.29 -3.07
C LYS A 519 21.63 9.25 -2.98
N GLU A 520 22.69 9.42 -3.76
CA GLU A 520 23.80 8.47 -3.76
C GLU A 520 24.77 8.69 -2.61
N ARG A 521 25.06 9.95 -2.33
CA ARG A 521 25.96 10.31 -1.25
C ARG A 521 25.35 9.84 0.05
N GLN A 522 24.09 10.19 0.26
CA GLN A 522 23.35 9.81 1.46
C GLN A 522 23.41 8.31 1.69
N ILE A 523 22.93 7.55 0.72
CA ILE A 523 22.94 6.09 0.86
C ILE A 523 24.32 5.57 1.23
N LYS A 524 25.36 6.13 0.65
CA LYS A 524 26.71 5.66 0.99
C LYS A 524 27.03 6.02 2.42
N LYS A 525 26.69 7.23 2.82
CA LYS A 525 26.94 7.68 4.20
C LYS A 525 26.14 6.83 5.18
N GLN A 526 24.87 6.62 4.85
CA GLN A 526 23.98 5.86 5.69
C GLN A 526 24.39 4.40 5.81
N THR A 527 24.98 3.88 4.75
CA THR A 527 25.42 2.50 4.74
C THR A 527 26.59 2.36 5.69
N ALA A 528 27.47 3.35 5.66
CA ALA A 528 28.64 3.33 6.53
C ALA A 528 28.18 3.45 7.97
N LEU A 529 27.13 4.24 8.17
CA LEU A 529 26.59 4.48 9.48
C LEU A 529 26.10 3.18 10.13
N VAL A 530 25.31 2.40 9.40
CA VAL A 530 24.80 1.14 9.94
C VAL A 530 25.96 0.26 10.36
N GLU A 531 26.95 0.15 9.47
CA GLU A 531 28.13 -0.68 9.72
C GLU A 531 28.89 -0.21 10.95
N LEU A 532 28.89 1.11 11.15
CA LEU A 532 29.56 1.69 12.30
C LEU A 532 28.87 1.18 13.56
N VAL A 533 27.55 1.24 13.58
CA VAL A 533 26.80 0.77 14.73
C VAL A 533 26.94 -0.74 14.91
N LYS A 534 26.97 -1.51 13.82
CA LYS A 534 27.11 -2.96 13.92
C LYS A 534 28.47 -3.35 14.47
N HIS A 535 29.43 -2.44 14.41
CA HIS A 535 30.76 -2.72 14.90
C HIS A 535 30.97 -2.21 16.33
N LYS A 536 30.31 -1.11 16.66
CA LYS A 536 30.38 -0.52 17.98
C LYS A 536 28.97 -0.20 18.47
N PRO A 537 28.18 -1.25 18.75
CA PRO A 537 26.78 -1.17 19.22
C PRO A 537 26.54 -0.52 20.58
N LYS A 538 27.60 -0.37 21.37
CA LYS A 538 27.49 0.20 22.69
C LYS A 538 27.83 1.69 22.68
N ALA A 539 28.12 2.22 21.51
CA ALA A 539 28.46 3.63 21.39
C ALA A 539 27.26 4.50 21.74
N THR A 540 27.52 5.58 22.47
CA THR A 540 26.50 6.53 22.89
C THR A 540 26.02 7.36 21.72
N LYS A 541 24.94 8.10 21.92
CA LYS A 541 24.41 8.98 20.88
C LYS A 541 25.41 10.13 20.80
N GLU A 542 26.24 10.25 21.84
CA GLU A 542 27.26 11.29 21.92
C GLU A 542 28.48 10.88 21.12
N GLN A 543 29.11 9.79 21.54
CA GLN A 543 30.29 9.27 20.87
C GLN A 543 30.02 9.23 19.37
N LEU A 544 28.84 8.71 19.04
CA LEU A 544 28.42 8.58 17.66
C LEU A 544 28.36 9.92 16.96
N LYS A 545 27.62 10.88 17.53
CA LYS A 545 27.52 12.20 16.91
C LYS A 545 28.91 12.80 16.72
N ALA A 546 29.80 12.49 17.65
CA ALA A 546 31.16 13.00 17.60
C ALA A 546 31.81 12.56 16.30
N VAL A 547 31.78 11.24 16.07
CA VAL A 547 32.36 10.70 14.86
C VAL A 547 31.67 11.31 13.65
N MET A 548 30.34 11.22 13.61
CA MET A 548 29.59 11.76 12.49
C MET A 548 30.03 13.18 12.15
N ASP A 549 30.32 13.96 13.20
CA ASP A 549 30.76 15.33 13.00
C ASP A 549 32.15 15.35 12.38
N ASP A 550 33.06 14.52 12.89
CA ASP A 550 34.40 14.48 12.31
C ASP A 550 34.30 14.07 10.85
N PHE A 551 33.34 13.22 10.55
CA PHE A 551 33.13 12.75 9.19
C PHE A 551 32.62 13.90 8.33
N ALA A 552 31.88 14.82 8.96
CA ALA A 552 31.35 15.98 8.25
C ALA A 552 32.49 16.75 7.61
N ALA A 553 33.45 17.17 8.43
CA ALA A 553 34.61 17.90 7.95
C ALA A 553 35.35 17.07 6.92
N PHE A 554 35.81 15.89 7.35
CA PHE A 554 36.56 14.97 6.49
C PHE A 554 36.12 15.06 5.04
N VAL A 555 34.83 14.81 4.80
CA VAL A 555 34.31 14.87 3.44
C VAL A 555 34.75 16.17 2.78
N GLU A 556 34.32 17.29 3.35
CA GLU A 556 34.67 18.59 2.80
C GLU A 556 36.17 18.82 2.68
N LYS A 557 36.88 18.73 3.80
CA LYS A 557 38.33 18.94 3.80
C LYS A 557 39.04 18.01 2.81
N CYS A 558 38.26 17.28 2.03
CA CYS A 558 38.82 16.36 1.05
C CYS A 558 38.22 16.50 -0.34
N CYS A 559 36.97 16.95 -0.43
CA CYS A 559 36.35 17.13 -1.72
C CYS A 559 36.75 18.50 -2.24
N LYS A 560 36.55 19.51 -1.41
CA LYS A 560 36.89 20.88 -1.75
C LYS A 560 38.39 21.07 -1.54
N ALA A 561 39.15 19.99 -1.70
CA ALA A 561 40.60 20.03 -1.52
C ALA A 561 41.37 20.07 -2.82
N ASP A 562 42.55 20.71 -2.76
CA ASP A 562 43.45 20.84 -3.91
C ASP A 562 43.69 19.51 -4.60
N ASP A 563 43.26 18.42 -3.96
CA ASP A 563 43.44 17.10 -4.53
C ASP A 563 42.72 16.02 -3.73
N LYS A 564 41.82 15.31 -4.39
CA LYS A 564 41.09 14.24 -3.74
C LYS A 564 42.09 13.11 -3.54
N GLU A 565 41.63 11.87 -3.66
CA GLU A 565 42.48 10.70 -3.51
C GLU A 565 43.47 10.78 -2.36
N THR A 566 44.48 11.63 -2.47
CA THR A 566 45.47 11.78 -1.42
C THR A 566 44.77 12.11 -0.10
N CYS A 567 44.02 13.20 -0.11
CA CYS A 567 43.31 13.64 1.08
C CYS A 567 42.51 12.49 1.71
N PHE A 568 41.75 11.77 0.89
CA PHE A 568 40.95 10.66 1.37
C PHE A 568 41.77 9.45 1.80
N ALA A 569 43.07 9.48 1.56
CA ALA A 569 43.92 8.35 1.93
C ALA A 569 44.71 8.67 3.18
N GLU A 570 45.19 9.91 3.26
CA GLU A 570 45.96 10.36 4.40
C GLU A 570 44.99 10.63 5.56
N GLU A 571 44.11 11.60 5.36
CA GLU A 571 43.12 11.94 6.38
C GLU A 571 42.31 10.71 6.76
N GLY A 572 41.89 9.94 5.75
CA GLY A 572 41.10 8.75 6.01
C GLY A 572 41.73 7.83 7.03
N LYS A 573 43.04 7.64 6.95
CA LYS A 573 43.74 6.77 7.89
C LYS A 573 43.65 7.41 9.26
N LYS A 574 43.81 8.73 9.31
CA LYS A 574 43.75 9.49 10.55
C LYS A 574 42.39 9.31 11.23
N LEU A 575 41.32 9.45 10.46
CA LEU A 575 39.96 9.32 10.98
C LEU A 575 39.75 7.96 11.65
N VAL A 576 39.98 6.89 10.92
CA VAL A 576 39.80 5.55 11.46
C VAL A 576 40.58 5.37 12.76
N ALA A 577 41.80 5.90 12.79
CA ALA A 577 42.64 5.78 13.98
C ALA A 577 42.01 6.54 15.14
N ALA A 578 41.70 7.81 14.91
CA ALA A 578 41.08 8.63 15.95
C ALA A 578 39.83 7.91 16.46
N SER A 579 38.86 7.78 15.56
CA SER A 579 37.60 7.13 15.87
C SER A 579 37.81 5.82 16.62
N GLN A 580 38.60 4.91 16.06
CA GLN A 580 38.83 3.62 16.71
C GLN A 580 39.15 3.83 18.20
N ALA A 581 39.93 4.87 18.48
CA ALA A 581 40.35 5.17 19.85
C ALA A 581 39.22 5.68 20.72
N ALA A 582 38.47 6.64 20.20
CA ALA A 582 37.38 7.23 20.95
C ALA A 582 36.23 6.25 21.21
N LEU A 583 36.38 5.00 20.76
CA LEU A 583 35.32 4.03 20.97
C LEU A 583 35.85 2.70 21.51
N GLY A 584 37.00 2.75 22.18
CA GLY A 584 37.58 1.55 22.74
C GLY A 584 37.59 0.37 21.78
C1 ACD B . 8.95 4.90 -13.27
C2 ACD B . 8.17 3.98 -14.15
C3 ACD B . 8.47 4.18 -15.62
C4 ACD B . 7.21 4.59 -16.36
C5 ACD B . 7.44 5.59 -17.40
C6 ACD B . 6.38 6.16 -18.12
C7 ACD B . 4.98 5.79 -17.90
C8 ACD B . 4.25 5.55 -19.14
C9 ACD B . 2.90 5.10 -19.16
C10 ACD B . 2.13 4.84 -17.95
C11 ACD B . 1.55 3.51 -17.92
C12 ACD B . 1.30 2.80 -16.73
C13 ACD B . 1.58 3.31 -15.39
C14 ACD B . 0.57 2.89 -14.42
C15 ACD B . 0.85 2.50 -13.09
C16 ACD B . 2.20 2.45 -12.54
C17 ACD B . 2.24 2.02 -11.08
C18 ACD B . 3.30 0.97 -10.83
C19 ACD B . 4.64 1.60 -10.48
C20 ACD B . 5.77 0.70 -10.91
O1 ACD B . 10.05 4.53 -12.79
O2 ACD B . 8.46 6.04 -13.04
C1 ACD C . -15.86 0.40 -10.95
C2 ACD C . -16.30 -0.45 -12.11
C3 ACD C . -15.54 -0.13 -13.38
C4 ACD C . -16.47 0.29 -14.51
C5 ACD C . -17.29 -0.79 -15.06
C6 ACD C . -16.82 -1.72 -16.02
C7 ACD C . -15.47 -1.70 -16.56
C8 ACD C . -14.68 -2.86 -16.17
C9 ACD C . -14.24 -3.82 -17.10
C10 ACD C . -14.55 -3.73 -18.52
C11 ACD C . -15.33 -4.86 -19.01
C12 ACD C . -14.93 -5.63 -20.12
C13 ACD C . -13.70 -5.36 -20.89
C14 ACD C . -12.64 -6.32 -20.62
C15 ACD C . -12.42 -7.47 -21.41
C16 ACD C . -13.24 -7.80 -22.57
C17 ACD C . -13.14 -9.26 -23.00
C18 ACD C . -14.16 -9.59 -24.08
C19 ACD C . -13.49 -10.20 -25.29
C20 ACD C . -14.46 -10.37 -26.42
O1 ACD C . -16.54 1.41 -10.62
O2 ACD C . -14.80 0.06 -10.36
C1 ACD D . -1.38 1.66 15.37
C2 ACD D . -1.03 2.03 13.95
C3 ACD D . -0.96 3.53 13.70
C4 ACD D . 0.45 4.05 13.97
C5 ACD D . 0.60 4.55 15.33
C6 ACD D . 1.85 4.88 15.87
C7 ACD D . 3.10 4.73 15.15
C8 ACD D . 3.85 5.98 15.19
C9 ACD D . 5.24 6.04 15.05
C10 ACD D . 6.07 4.86 14.86
C11 ACD D . 7.45 5.09 15.27
C12 ACD D . 8.52 5.15 14.36
C13 ACD D . 8.37 5.00 12.93
C14 ACD D . 9.10 6.04 12.17
C15 ACD D . 8.48 7.12 11.53
C16 ACD D . 7.03 7.34 11.54
C17 ACD D . 6.66 8.78 11.83
C18 ACD D . 5.33 9.12 11.20
C19 ACD D . 4.33 9.54 12.25
C20 ACD D . 3.08 10.09 11.61
O1 ACD D . -2.33 2.23 15.95
O2 ACD D . -0.69 0.78 15.94
C1 ACD E . 8.24 1.99 16.84
C2 ACD E . 7.32 1.45 15.78
C3 ACD E . 7.95 0.40 14.88
C4 ACD E . 7.04 0.04 13.72
C5 ACD E . 7.22 0.87 12.54
C6 ACD E . 8.17 0.61 11.51
C7 ACD E . 9.09 -0.52 11.50
C8 ACD E . 10.33 -0.27 12.22
C9 ACD E . 11.10 -1.31 12.75
C10 ACD E . 10.73 -2.71 12.62
C11 ACD E . 11.64 -3.68 13.25
C12 ACD E . 13.02 -3.90 12.93
C13 ACD E . 13.85 -3.21 11.92
C14 ACD E . 13.34 -3.20 10.53
C15 ACD E . 13.50 -4.26 9.61
C16 ACD E . 14.18 -5.49 9.94
C17 ACD E . 13.28 -6.72 9.78
C18 ACD E . 13.93 -7.75 8.89
C19 ACD E . 13.24 -7.85 7.53
C20 ACD E . 13.91 -8.90 6.67
O1 ACD E . 9.45 2.23 16.58
O2 ACD E . 7.75 2.20 17.98
C1 ACD F . 26.21 14.58 6.79
C2 ACD F . 26.62 13.28 7.40
C3 ACD F . 25.45 12.49 7.93
C4 ACD F . 25.93 11.38 8.84
C5 ACD F . 25.72 10.06 8.26
C6 ACD F . 26.77 9.16 7.99
C7 ACD F . 28.18 9.43 8.25
C8 ACD F . 28.62 9.02 9.58
C9 ACD F . 29.60 8.03 9.82
C10 ACD F . 30.32 7.31 8.78
C11 ACD F . 30.71 5.96 9.20
C12 ACD F . 31.97 5.64 9.77
C13 ACD F . 33.03 6.62 10.01
C14 ACD F . 34.32 6.23 9.43
C15 ACD F . 35.37 5.62 10.17
C16 ACD F . 35.28 5.33 11.60
C17 ACD F . 35.60 3.87 11.93
C18 ACD F . 35.67 3.67 13.43
C19 ACD F . 35.36 2.24 13.82
C20 ACD F . 36.03 1.87 15.12
O1 ACD F . 26.16 15.62 7.50
O2 ACD F . 25.91 14.59 5.57
C1 ACD G . -9.86 -11.05 15.35
C2 ACD G . -9.97 -9.58 14.97
C3 ACD G . -11.31 -8.98 15.28
C4 ACD G . -11.18 -7.59 15.90
C5 ACD G . -11.65 -7.51 17.28
C6 ACD G . -12.99 -7.28 17.63
C7 ACD G . -14.08 -7.09 16.66
C8 ACD G . -15.37 -7.48 17.21
C9 ACD G . -16.57 -7.55 16.45
C10 ACD G . -16.67 -7.25 15.03
C11 ACD G . -16.78 -8.45 14.19
C12 ACD G . -17.92 -8.76 13.41
C13 ACD G . -19.12 -7.92 13.34
C14 ACD G . -19.13 -6.97 12.23
C15 ACD G . -20.31 -6.55 11.58
C16 ACD G . -21.64 -7.02 11.96
C17 ACD G . -22.57 -7.18 10.75
C18 ACD G . -22.60 -8.63 10.26
C19 ACD G . -23.97 -9.02 9.66
C20 ACD G . -23.84 -10.26 8.81
O1 ACD G . -10.74 -11.88 14.95
O2 ACD G . -8.90 -11.40 16.07
C1 ACD H . -12.22 -1.75 -2.52
C2 ACD H . -12.98 -0.66 -3.23
C3 ACD H . -14.42 -1.03 -3.52
C4 ACD H . -15.12 0.13 -4.21
C5 ACD H . -16.58 0.10 -4.07
C6 ACD H . -17.29 0.99 -3.23
C7 ACD H . -16.63 2.02 -2.41
C8 ACD H . -17.30 2.26 -1.14
C9 ACD H . -16.63 2.60 0.05
C10 ACD H . -15.19 2.76 0.17
C11 ACD H . -14.77 3.40 1.42
C12 ACD H . -13.64 2.97 2.17
C13 ACD H . -12.77 1.86 1.75
C1 ACD I . 17.65 -9.15 5.50
C2 ACD I . 16.93 -10.37 4.96
C3 ACD I . 15.82 -10.06 3.97
O1 ACD I . 17.95 -9.10 6.71
O2 ACD I . 17.91 -8.23 4.69
#